data_4D01
#
_entry.id   4D01
#
_cell.length_a   49.520
_cell.length_b   64.269
_cell.length_c   80.138
_cell.angle_alpha   90.00
_cell.angle_beta   90.00
_cell.angle_gamma   90.00
#
_symmetry.space_group_name_H-M   'P 2 21 21'
#
loop_
_entity.id
_entity.type
_entity.pdbx_description
1 polymer 'NEURONAL ACETYLCHOLINE RECEPTOR SUBUNIT ALPHA-9'
2 non-polymer 2-acetamido-2-deoxy-beta-D-glucopyranose
3 non-polymer 1,2-ETHANEDIOL
4 water water
#
_entity_poly.entity_id   1
_entity_poly.type   'polypeptide(L)'
_entity_poly.pdbx_seq_one_letter_code
;ADGKYAQKLFNDLFEDYSNALRPVEDTDKVLNVTLQITLSQIKDMDERNQILTAYLWIRQIWHDAYLTWDRDQYDGLDSI
RIPSDLVWRPDIVLYNKADDESSEPVNTNVVLRYDGLITWDAPAITKSSCVVDVTYFPFDNQQCNLTFGSWTYNGNQVDI
FNALDSGDLSDFIEDVEWEVHGMPAVKNVISYGCCSEPYPDVTFTLLLKRRSHHHHHH
;
_entity_poly.pdbx_strand_id   A
#
# COMPACT_ATOMS: atom_id res chain seq x y z
N ASP A 2 8.04 21.83 -24.56
CA ASP A 2 8.29 20.55 -25.22
C ASP A 2 7.57 19.40 -24.51
N GLY A 3 6.38 19.72 -23.99
CA GLY A 3 5.48 18.71 -23.47
C GLY A 3 4.65 18.12 -24.58
N LYS A 4 4.88 18.61 -25.80
CA LYS A 4 4.18 18.13 -26.98
C LYS A 4 4.19 16.63 -27.04
N TYR A 5 5.34 16.03 -26.75
CA TYR A 5 5.40 14.57 -26.78
C TYR A 5 4.66 13.93 -25.63
N ALA A 6 4.77 14.48 -24.42
CA ALA A 6 3.97 13.94 -23.32
C ALA A 6 2.45 13.96 -23.63
N GLN A 7 1.97 14.99 -24.33
CA GLN A 7 0.55 15.05 -24.70
C GLN A 7 0.21 14.02 -25.77
N LYS A 8 1.08 13.88 -26.76
CA LYS A 8 0.85 12.90 -27.80
C LYS A 8 0.76 11.54 -27.12
N LEU A 9 1.74 11.21 -26.29
CA LEU A 9 1.74 9.92 -25.58
C LEU A 9 0.44 9.70 -24.82
N PHE A 10 0.02 10.70 -24.07
CA PHE A 10 -1.18 10.58 -23.27
C PHE A 10 -2.39 10.33 -24.13
N ASN A 11 -2.55 11.12 -25.18
CA ASN A 11 -3.67 10.92 -26.09
C ASN A 11 -3.62 9.51 -26.69
N ASP A 12 -2.41 9.07 -27.04
CA ASP A 12 -2.23 7.75 -27.60
C ASP A 12 -2.52 6.62 -26.60
N LEU A 13 -2.08 6.78 -25.37
CA LEU A 13 -2.18 5.71 -24.39
C LEU A 13 -3.62 5.48 -24.09
N PHE A 14 -4.33 6.56 -24.01
CA PHE A 14 -5.69 6.53 -23.63
C PHE A 14 -6.68 6.59 -24.80
N GLU A 15 -6.38 6.35 -26.06
CA GLU A 15 -7.43 6.39 -27.12
C GLU A 15 -8.48 5.31 -26.80
N ASP A 16 -8.03 4.19 -26.30
CA ASP A 16 -8.89 3.04 -26.07
C ASP A 16 -8.27 2.37 -24.86
N TYR A 17 -8.79 2.70 -23.67
CA TYR A 17 -8.17 2.22 -22.40
C TYR A 17 -9.20 2.35 -21.29
N SER A 18 -9.36 1.31 -20.48
CA SER A 18 -10.39 1.37 -19.46
C SER A 18 -9.74 1.23 -18.10
N ASN A 19 -9.99 2.19 -17.21
CA ASN A 19 -9.46 2.03 -15.86
C ASN A 19 -10.21 1.00 -15.01
N ALA A 20 -11.19 0.31 -15.58
CA ALA A 20 -11.96 -0.69 -14.87
C ALA A 20 -11.49 -2.12 -15.20
N LEU A 21 -10.68 -2.28 -16.24
CA LEU A 21 -10.24 -3.59 -16.71
C LEU A 21 -8.87 -3.94 -16.18
N ARG A 22 -8.79 -5.08 -15.49
CA ARG A 22 -7.51 -5.56 -14.95
C ARG A 22 -6.53 -5.69 -16.09
N PRO A 23 -5.42 -4.98 -16.00
CA PRO A 23 -4.61 -4.81 -17.20
C PRO A 23 -3.63 -5.94 -17.46
N VAL A 24 -4.18 -7.09 -17.83
CA VAL A 24 -3.38 -8.23 -18.23
C VAL A 24 -3.77 -8.62 -19.63
N GLU A 25 -2.84 -9.22 -20.37
CA GLU A 25 -3.05 -9.58 -21.76
C GLU A 25 -3.96 -10.80 -21.83
N ASP A 26 -3.90 -11.62 -20.80
CA ASP A 26 -4.69 -12.84 -20.75
C ASP A 26 -5.34 -12.98 -19.38
N THR A 27 -6.62 -13.31 -19.34
CA THR A 27 -7.35 -13.15 -18.10
C THR A 27 -6.89 -14.12 -17.01
N ASP A 28 -6.39 -15.29 -17.37
CA ASP A 28 -6.03 -16.25 -16.33
C ASP A 28 -4.63 -15.96 -15.80
N LYS A 29 -4.02 -14.89 -16.28
CA LYS A 29 -2.74 -14.45 -15.71
C LYS A 29 -2.99 -13.64 -14.47
N VAL A 30 -2.09 -13.76 -13.50
CA VAL A 30 -2.24 -13.01 -12.28
C VAL A 30 -1.61 -11.64 -12.51
N LEU A 31 -2.05 -10.65 -11.76
CA LEU A 31 -1.29 -9.40 -11.75
C LEU A 31 -0.72 -9.19 -10.35
N ASN A 32 0.62 -9.04 -10.27
CA ASN A 32 1.32 -8.88 -9.01
C ASN A 32 1.56 -7.44 -8.67
N VAL A 33 1.37 -7.15 -7.39
CA VAL A 33 1.55 -5.84 -6.85
C VAL A 33 2.44 -5.93 -5.64
N THR A 34 3.46 -5.08 -5.57
CA THR A 34 4.26 -4.99 -4.37
C THR A 34 3.85 -3.78 -3.59
N LEU A 35 3.91 -3.94 -2.27
CA LEU A 35 3.45 -2.89 -1.40
C LEU A 35 4.56 -2.57 -0.43
N GLN A 36 4.80 -1.27 -0.22
CA GLN A 36 5.72 -0.81 0.79
C GLN A 36 5.00 0.21 1.63
N ILE A 37 5.18 0.10 2.94
CA ILE A 37 4.54 1.02 3.85
C ILE A 37 5.64 1.81 4.46
N THR A 38 5.49 3.13 4.47
CA THR A 38 6.41 4.00 5.16
C THR A 38 5.63 4.68 6.25
N LEU A 39 6.07 4.52 7.49
CA LEU A 39 5.32 5.12 8.57
C LEU A 39 5.74 6.60 8.61
N SER A 40 4.77 7.51 8.69
CA SER A 40 5.12 8.94 8.75
C SER A 40 4.95 9.52 10.13
N GLN A 41 3.97 9.01 10.86
CA GLN A 41 3.69 9.53 12.18
C GLN A 41 2.74 8.63 12.93
N ILE A 42 2.91 8.56 14.24
CA ILE A 42 1.90 7.92 15.07
C ILE A 42 1.01 9.01 15.56
N LYS A 43 -0.14 9.21 14.91
CA LYS A 43 -0.98 10.36 15.22
C LYS A 43 -1.57 10.24 16.62
N ASP A 44 -2.07 9.05 16.95
CA ASP A 44 -2.75 8.87 18.20
C ASP A 44 -2.80 7.40 18.58
N MET A 45 -2.37 7.08 19.80
CA MET A 45 -2.63 5.75 20.34
C MET A 45 -3.66 5.92 21.45
N ASP A 46 -4.87 5.48 21.16
CA ASP A 46 -6.00 5.60 22.05
C ASP A 46 -6.10 4.34 22.92
N GLU A 47 -5.64 4.42 24.16
CA GLU A 47 -5.69 3.25 25.04
C GLU A 47 -7.08 2.98 25.61
N ARG A 48 -7.97 3.95 25.48
CA ARG A 48 -9.33 3.79 25.99
C ARG A 48 -10.08 2.90 24.99
N ASN A 49 -9.98 3.27 23.70
CA ASN A 49 -10.57 2.47 22.63
C ASN A 49 -9.65 1.40 22.03
N GLN A 50 -8.36 1.46 22.37
CA GLN A 50 -7.39 0.57 21.75
C GLN A 50 -7.32 0.74 20.25
N ILE A 51 -7.27 2.01 19.83
CA ILE A 51 -7.18 2.34 18.44
C ILE A 51 -5.94 3.17 18.15
N LEU A 52 -5.20 2.73 17.16
CA LEU A 52 -4.07 3.44 16.65
C LEU A 52 -4.50 4.26 15.46
N THR A 53 -4.21 5.55 15.48
CA THR A 53 -4.29 6.37 14.28
C THR A 53 -2.86 6.62 13.78
N ALA A 54 -2.59 6.16 12.56
CA ALA A 54 -1.29 6.30 11.95
C ALA A 54 -1.39 7.06 10.63
N TYR A 55 -0.38 7.88 10.35
CA TYR A 55 -0.17 8.46 9.02
C TYR A 55 0.90 7.66 8.32
N LEU A 56 0.59 7.21 7.11
CA LEU A 56 1.50 6.38 6.33
C LEU A 56 1.69 6.92 4.92
N TRP A 57 2.79 6.53 4.28
CA TRP A 57 2.88 6.59 2.84
C TRP A 57 2.83 5.17 2.30
N ILE A 58 1.88 4.96 1.41
CA ILE A 58 1.75 3.66 0.76
C ILE A 58 2.26 3.70 -0.65
N ARG A 59 3.18 2.78 -0.96
CA ARG A 59 3.74 2.69 -2.28
C ARG A 59 3.36 1.37 -2.90
N GLN A 60 2.61 1.44 -3.99
CA GLN A 60 2.21 0.29 -4.74
C GLN A 60 2.85 0.29 -6.11
N ILE A 61 3.35 -0.87 -6.51
CA ILE A 61 4.03 -1.06 -7.77
C ILE A 61 3.49 -2.26 -8.53
N TRP A 62 3.17 -2.07 -9.80
CA TRP A 62 2.67 -3.15 -10.63
C TRP A 62 2.88 -2.79 -12.07
N HIS A 63 2.67 -3.76 -12.96
CA HIS A 63 2.71 -3.53 -14.39
C HIS A 63 1.33 -3.47 -15.03
N ASP A 64 1.12 -2.48 -15.89
CA ASP A 64 -0.08 -2.43 -16.68
C ASP A 64 0.27 -2.85 -18.09
N ALA A 65 -0.38 -3.89 -18.61
CA ALA A 65 -0.04 -4.38 -19.94
C ALA A 65 -0.39 -3.43 -21.06
N TYR A 66 -1.27 -2.49 -20.80
CA TYR A 66 -1.84 -1.69 -21.88
C TYR A 66 -1.26 -0.30 -21.92
N LEU A 67 -0.43 0.04 -20.95
CA LEU A 67 0.15 1.36 -20.90
C LEU A 67 1.64 1.29 -21.14
N THR A 68 2.02 0.69 -22.26
CA THR A 68 3.43 0.73 -22.67
C THR A 68 3.63 1.53 -23.94
N TRP A 69 4.87 1.94 -24.21
CA TRP A 69 5.14 2.65 -25.44
C TRP A 69 6.59 2.61 -25.82
N ASP A 70 6.82 2.97 -27.06
CA ASP A 70 8.13 2.98 -27.66
C ASP A 70 8.70 4.36 -27.42
N ARG A 71 9.72 4.43 -26.57
CA ARG A 71 10.38 5.69 -26.25
C ARG A 71 10.77 6.46 -27.51
N ASP A 72 11.23 5.74 -28.53
CA ASP A 72 11.67 6.36 -29.79
C ASP A 72 10.56 7.14 -30.50
N GLN A 73 9.31 6.75 -30.31
CA GLN A 73 8.20 7.40 -30.99
C GLN A 73 7.78 8.67 -30.26
N TYR A 74 8.36 8.92 -29.08
CA TYR A 74 8.02 10.10 -28.29
C TYR A 74 9.25 10.84 -27.80
N ASP A 75 10.18 11.07 -28.73
CA ASP A 75 11.37 11.85 -28.47
C ASP A 75 12.03 11.43 -27.15
N GLY A 76 12.04 10.12 -26.89
CA GLY A 76 12.82 9.57 -25.80
C GLY A 76 12.10 9.53 -24.48
N LEU A 77 10.93 10.15 -24.43
CA LEU A 77 10.17 10.24 -23.21
C LEU A 77 9.93 8.86 -22.64
N ASP A 78 10.35 8.63 -21.40
CA ASP A 78 10.32 7.29 -20.84
C ASP A 78 9.55 7.18 -19.54
N SER A 79 8.94 8.28 -19.10
CA SER A 79 8.20 8.28 -17.85
C SER A 79 7.22 9.44 -17.86
N ILE A 80 6.02 9.22 -17.34
CA ILE A 80 5.03 10.30 -17.31
C ILE A 80 4.24 10.22 -16.00
N ARG A 81 3.87 11.38 -15.45
CA ARG A 81 3.03 11.39 -14.26
C ARG A 81 1.56 11.59 -14.70
N ILE A 82 0.71 10.70 -14.22
CA ILE A 82 -0.66 10.56 -14.69
C ILE A 82 -1.51 10.60 -13.44
N PRO A 83 -2.58 11.44 -13.38
CA PRO A 83 -3.52 11.31 -12.24
C PRO A 83 -3.95 9.86 -12.02
N SER A 84 -3.94 9.44 -10.77
CA SER A 84 -4.01 8.02 -10.50
C SER A 84 -5.39 7.51 -10.88
N ASP A 85 -6.41 8.39 -10.88
CA ASP A 85 -7.76 7.94 -11.17
C ASP A 85 -7.91 7.51 -12.63
N LEU A 86 -6.90 7.77 -13.45
CA LEU A 86 -6.99 7.45 -14.88
C LEU A 86 -6.57 6.03 -15.20
N VAL A 87 -5.81 5.41 -14.31
CA VAL A 87 -5.33 4.10 -14.58
C VAL A 87 -6.11 3.08 -13.73
N TRP A 88 -6.12 1.83 -14.19
CA TRP A 88 -6.63 0.78 -13.32
C TRP A 88 -5.75 0.70 -12.09
N ARG A 89 -6.37 0.50 -10.95
CA ARG A 89 -5.63 0.30 -9.70
C ARG A 89 -6.09 -0.98 -8.99
N PRO A 90 -5.25 -1.56 -8.14
CA PRO A 90 -5.62 -2.86 -7.56
C PRO A 90 -6.60 -2.82 -6.41
N ASP A 91 -6.94 -1.63 -5.96
CA ASP A 91 -7.96 -1.51 -4.94
C ASP A 91 -7.48 -2.06 -3.62
N ILE A 92 -6.22 -1.83 -3.32
CA ILE A 92 -5.67 -2.27 -2.07
C ILE A 92 -6.09 -1.31 -0.98
N VAL A 93 -6.68 -1.86 0.08
CA VAL A 93 -7.14 -1.08 1.21
C VAL A 93 -6.75 -1.76 2.51
N LEU A 94 -6.89 -0.99 3.59
CA LEU A 94 -6.74 -1.51 4.93
C LEU A 94 -7.95 -2.35 5.27
N TYR A 95 -7.76 -3.65 5.40
CA TYR A 95 -8.82 -4.56 5.81
C TYR A 95 -9.32 -4.34 7.19
N ASN A 96 -8.39 -4.02 8.07
N ASN A 96 -8.45 -4.16 8.17
CA ASN A 96 -8.58 -4.03 9.52
CA ASN A 96 -8.94 -4.17 9.54
C ASN A 96 -9.14 -2.72 10.07
C ASN A 96 -9.25 -2.79 10.09
N LYS A 97 -9.85 -1.94 9.25
CA LYS A 97 -10.24 -0.61 9.69
C LYS A 97 -11.21 -0.73 10.85
N ALA A 98 -10.99 0.09 11.86
CA ALA A 98 -11.91 0.18 12.98
C ALA A 98 -12.84 1.37 12.72
N ASP A 99 -12.49 2.18 11.72
CA ASP A 99 -13.08 3.52 11.56
C ASP A 99 -14.47 3.64 10.95
N ASP A 100 -14.90 4.90 10.77
CA ASP A 100 -16.25 5.24 10.31
C ASP A 100 -16.69 4.54 9.03
N GLU A 101 -15.97 4.80 7.93
CA GLU A 101 -14.87 5.75 7.96
C GLU A 101 -14.86 6.58 6.67
N GLU A 104 -11.88 10.54 4.26
CA GLU A 104 -11.79 11.59 3.24
C GLU A 104 -10.78 11.23 2.13
N PRO A 105 -11.04 11.70 0.90
CA PRO A 105 -10.14 11.45 -0.25
C PRO A 105 -9.05 12.51 -0.41
N VAL A 106 -7.93 12.12 -1.02
CA VAL A 106 -6.83 13.05 -1.35
C VAL A 106 -6.12 12.60 -2.63
N ASN A 107 -6.18 13.40 -3.68
CA ASN A 107 -5.78 12.92 -5.01
C ASN A 107 -4.27 12.95 -5.31
N THR A 108 -3.85 12.00 -6.14
CA THR A 108 -2.44 11.70 -6.36
C THR A 108 -2.18 11.33 -7.81
N ASN A 109 -0.89 11.25 -8.16
CA ASN A 109 -0.50 10.88 -9.49
C ASN A 109 0.25 9.60 -9.35
N VAL A 110 0.30 8.82 -10.43
CA VAL A 110 1.21 7.72 -10.48
C VAL A 110 2.36 8.10 -11.39
N VAL A 111 3.46 7.39 -11.30
CA VAL A 111 4.51 7.49 -12.30
C VAL A 111 4.43 6.28 -13.20
N LEU A 112 4.27 6.51 -14.48
CA LEU A 112 4.14 5.42 -15.44
C LEU A 112 5.37 5.38 -16.32
N ARG A 113 6.06 4.24 -16.35
CA ARG A 113 7.29 4.08 -17.12
C ARG A 113 6.92 3.41 -18.43
N TYR A 114 7.76 3.61 -19.44
CA TYR A 114 7.48 3.19 -20.81
C TYR A 114 7.19 1.72 -20.90
N ASP A 115 7.62 0.95 -19.90
CA ASP A 115 7.39 -0.51 -19.94
C ASP A 115 6.12 -0.94 -19.17
N GLY A 116 5.24 0.02 -18.87
CA GLY A 116 3.99 -0.30 -18.18
C GLY A 116 4.13 -0.32 -16.67
N LEU A 117 5.33 -0.02 -16.17
CA LEU A 117 5.55 -0.17 -14.72
C LEU A 117 4.94 1.04 -14.07
N ILE A 118 4.01 0.82 -13.17
CA ILE A 118 3.38 1.93 -12.50
C ILE A 118 3.84 1.93 -11.08
N THR A 119 4.24 3.11 -10.64
CA THR A 119 4.60 3.34 -9.26
C THR A 119 3.66 4.36 -8.67
N TRP A 120 2.99 3.99 -7.59
CA TRP A 120 1.97 4.85 -7.02
C TRP A 120 2.24 5.08 -5.53
N ASP A 121 2.65 6.30 -5.19
CA ASP A 121 2.84 6.76 -3.82
C ASP A 121 1.64 7.57 -3.39
N ALA A 122 1.05 7.22 -2.25
CA ALA A 122 -0.13 7.94 -1.75
C ALA A 122 -0.15 7.99 -0.23
N PRO A 123 -0.47 9.15 0.34
CA PRO A 123 -0.59 9.25 1.80
C PRO A 123 -1.84 8.55 2.28
N ALA A 124 -1.88 8.17 3.56
CA ALA A 124 -3.04 7.48 4.11
C ALA A 124 -3.11 7.64 5.62
N ILE A 125 -4.32 7.63 6.15
CA ILE A 125 -4.56 7.67 7.57
C ILE A 125 -5.32 6.44 7.95
N THR A 126 -4.75 5.64 8.83
CA THR A 126 -5.36 4.36 9.22
C THR A 126 -5.78 4.39 10.66
N LYS A 127 -6.95 3.81 10.92
CA LYS A 127 -7.43 3.60 12.27
C LYS A 127 -7.70 2.13 12.44
N SER A 128 -7.05 1.55 13.44
CA SER A 128 -7.11 0.11 13.57
C SER A 128 -6.91 -0.23 15.01
N SER A 129 -7.38 -1.41 15.40
CA SER A 129 -7.38 -1.83 16.78
C SER A 129 -6.06 -2.47 17.11
N CYS A 130 -5.67 -2.34 18.38
CA CYS A 130 -4.39 -2.84 18.83
C CYS A 130 -4.63 -3.77 20.01
N VAL A 131 -3.69 -4.66 20.28
CA VAL A 131 -3.79 -5.52 21.45
C VAL A 131 -2.67 -5.26 22.44
N VAL A 132 -3.03 -5.08 23.71
CA VAL A 132 -2.06 -4.78 24.74
C VAL A 132 -1.27 -6.03 25.04
N ASP A 133 -0.03 -5.81 25.45
CA ASP A 133 0.79 -6.86 26.01
C ASP A 133 1.56 -6.24 27.14
N VAL A 134 1.65 -6.94 28.28
CA VAL A 134 2.50 -6.48 29.37
C VAL A 134 3.40 -7.63 29.83
N THR A 135 3.53 -8.62 28.95
CA THR A 135 4.34 -9.80 29.22
C THR A 135 5.82 -9.47 29.06
N TYR A 136 6.16 -8.78 27.97
CA TYR A 136 7.56 -8.51 27.61
C TYR A 136 7.97 -7.11 28.06
N PHE A 137 9.24 -6.97 28.41
CA PHE A 137 9.75 -5.68 28.83
C PHE A 137 9.45 -4.65 27.74
N PRO A 138 9.08 -3.41 28.13
CA PRO A 138 8.91 -2.82 29.47
C PRO A 138 7.50 -3.01 30.05
N PHE A 139 6.78 -4.03 29.59
CA PHE A 139 5.53 -4.44 30.22
C PHE A 139 4.40 -3.45 30.07
N ASP A 140 4.51 -2.62 29.05
CA ASP A 140 3.47 -1.69 28.68
C ASP A 140 3.56 -1.50 27.18
N ASN A 141 2.99 -2.43 26.43
CA ASN A 141 3.19 -2.44 24.98
C ASN A 141 1.89 -2.60 24.23
N GLN A 142 1.97 -2.33 22.95
CA GLN A 142 0.83 -2.45 22.06
C GLN A 142 1.28 -3.19 20.84
N GLN A 143 0.42 -4.08 20.37
CA GLN A 143 0.66 -4.78 19.13
C GLN A 143 -0.42 -4.31 18.18
N CYS A 144 -0.05 -3.60 17.12
CA CYS A 144 -1.02 -2.98 16.24
C CYS A 144 -0.87 -3.56 14.84
N ASN A 145 -1.76 -4.47 14.47
CA ASN A 145 -1.65 -5.04 13.13
C ASN A 145 -2.33 -4.12 12.11
N LEU A 146 -1.67 -3.97 10.97
CA LEU A 146 -2.25 -3.32 9.81
C LEU A 146 -2.23 -4.31 8.64
N THR A 147 -3.42 -4.71 8.19
CA THR A 147 -3.58 -5.75 7.20
C THR A 147 -4.13 -5.14 5.90
N PHE A 148 -3.42 -5.35 4.78
CA PHE A 148 -3.78 -4.70 3.52
C PHE A 148 -4.08 -5.77 2.49
N GLY A 149 -5.06 -5.51 1.66
CA GLY A 149 -5.43 -6.45 0.63
C GLY A 149 -6.35 -5.80 -0.38
N SER A 150 -6.59 -6.50 -1.48
CA SER A 150 -7.52 -6.00 -2.48
C SER A 150 -8.92 -6.15 -1.94
N TRP A 151 -9.72 -5.11 -2.13
CA TRP A 151 -11.12 -5.18 -1.77
C TRP A 151 -11.92 -5.89 -2.89
N THR A 152 -11.40 -5.85 -4.11
CA THR A 152 -12.13 -6.27 -5.31
C THR A 152 -11.75 -7.65 -5.83
N TYR A 153 -10.45 -7.96 -5.78
CA TYR A 153 -9.89 -9.11 -6.51
C TYR A 153 -9.38 -10.20 -5.61
N ASN A 154 -9.47 -11.45 -6.06
CA ASN A 154 -8.90 -12.55 -5.31
C ASN A 154 -7.48 -12.77 -5.80
N GLY A 155 -6.80 -13.70 -5.15
CA GLY A 155 -5.38 -13.83 -5.35
C GLY A 155 -5.00 -14.39 -6.68
N ASN A 156 -5.94 -14.98 -7.40
CA ASN A 156 -5.63 -15.43 -8.75
C ASN A 156 -5.65 -14.27 -9.74
N GLN A 157 -6.22 -13.15 -9.33
CA GLN A 157 -6.43 -12.01 -10.18
C GLN A 157 -5.37 -10.96 -9.81
N VAL A 158 -5.34 -10.63 -8.52
CA VAL A 158 -4.31 -9.72 -7.97
C VAL A 158 -3.61 -10.41 -6.79
N ASP A 159 -2.29 -10.54 -6.90
CA ASP A 159 -1.53 -11.12 -5.80
C ASP A 159 -0.61 -10.04 -5.24
N ILE A 160 -0.51 -9.96 -3.93
CA ILE A 160 0.18 -8.87 -3.30
C ILE A 160 1.42 -9.40 -2.57
N PHE A 161 2.46 -8.58 -2.48
CA PHE A 161 3.77 -9.00 -1.93
C PHE A 161 4.38 -7.85 -1.19
N ASN A 162 5.12 -8.16 -0.15
CA ASN A 162 5.92 -7.18 0.51
C ASN A 162 7.14 -6.78 -0.31
N ALA A 163 7.36 -5.47 -0.46
CA ALA A 163 8.57 -4.97 -1.07
C ALA A 163 9.73 -5.11 -0.09
N LEU A 164 9.44 -5.03 1.20
CA LEU A 164 10.47 -4.91 2.21
C LEU A 164 10.21 -5.93 3.30
N ASP A 165 11.16 -6.18 4.18
CA ASP A 165 10.89 -7.14 5.27
C ASP A 165 10.03 -6.53 6.37
N SER A 166 9.97 -5.22 6.36
CA SER A 166 9.31 -4.47 7.43
CA SER A 166 9.30 -4.49 7.42
C SER A 166 8.80 -3.16 6.87
N GLY A 167 7.91 -2.51 7.60
CA GLY A 167 7.55 -1.15 7.28
C GLY A 167 8.78 -0.29 7.39
N ASP A 168 8.82 0.79 6.61
CA ASP A 168 9.95 1.70 6.54
C ASP A 168 9.84 2.69 7.67
N LEU A 169 10.78 2.62 8.60
CA LEU A 169 10.72 3.45 9.77
C LEU A 169 11.83 4.47 9.74
N SER A 170 12.43 4.67 8.57
CA SER A 170 13.59 5.59 8.50
C SER A 170 13.21 7.01 8.92
N ASP A 171 12.01 7.45 8.57
CA ASP A 171 11.67 8.85 8.81
C ASP A 171 10.22 9.04 9.20
N PHE A 172 9.96 9.17 10.51
CA PHE A 172 8.61 9.38 10.98
C PHE A 172 8.65 10.29 12.18
N ILE A 173 7.58 11.04 12.38
CA ILE A 173 7.54 12.13 13.34
C ILE A 173 7.75 11.71 14.79
N GLU A 174 7.33 10.49 15.12
N GLU A 174 7.31 10.51 15.15
CA GLU A 174 7.50 9.94 16.46
CA GLU A 174 7.57 9.95 16.48
C GLU A 174 6.48 10.46 17.46
C GLU A 174 6.63 10.49 17.57
N ASP A 175 6.09 9.56 18.37
CA ASP A 175 5.09 9.86 19.38
C ASP A 175 5.72 10.01 20.76
N VAL A 176 5.16 10.90 21.56
CA VAL A 176 5.67 11.23 22.87
C VAL A 176 5.59 10.09 23.89
N GLU A 177 4.52 9.30 23.84
CA GLU A 177 4.28 8.26 24.85
C GLU A 177 4.76 6.90 24.38
N TRP A 178 4.75 6.68 23.07
CA TRP A 178 5.09 5.37 22.54
C TRP A 178 6.33 5.34 21.65
N GLU A 179 7.22 4.38 21.92
CA GLU A 179 8.36 4.13 21.05
C GLU A 179 8.01 3.01 20.11
N VAL A 180 8.50 3.08 18.88
CA VAL A 180 8.35 1.95 17.95
C VAL A 180 9.49 0.94 18.12
N HIS A 181 9.12 -0.29 18.38
CA HIS A 181 10.09 -1.35 18.61
C HIS A 181 10.35 -2.11 17.30
N GLY A 182 9.35 -2.22 16.45
CA GLY A 182 9.56 -2.80 15.14
C GLY A 182 8.28 -2.73 14.34
N MET A 183 8.33 -3.12 13.07
CA MET A 183 7.16 -3.20 12.23
C MET A 183 7.34 -4.30 11.18
N PRO A 184 7.50 -5.54 11.63
CA PRO A 184 7.80 -6.59 10.65
C PRO A 184 6.60 -6.90 9.78
N ALA A 185 6.86 -7.35 8.57
CA ALA A 185 5.80 -7.59 7.62
C ALA A 185 5.73 -9.08 7.28
N VAL A 186 4.51 -9.55 7.02
CA VAL A 186 4.34 -10.90 6.52
C VAL A 186 3.29 -10.85 5.44
N LYS A 187 3.22 -11.94 4.70
CA LYS A 187 2.14 -12.15 3.76
C LYS A 187 1.36 -13.36 4.20
N ASN A 188 0.02 -13.24 4.23
CA ASN A 188 -0.88 -14.35 4.54
C ASN A 188 -1.76 -14.64 3.37
N VAL A 189 -1.90 -15.90 3.04
CA VAL A 189 -2.84 -16.29 2.02
C VAL A 189 -3.78 -17.33 2.58
N ILE A 190 -5.08 -17.06 2.48
CA ILE A 190 -6.07 -17.97 3.04
C ILE A 190 -6.91 -18.49 1.89
N SER A 191 -7.22 -19.79 1.95
CA SER A 191 -8.16 -20.40 1.02
C SER A 191 -9.12 -21.26 1.84
N TYR A 192 -10.36 -21.34 1.35
CA TYR A 192 -11.44 -21.90 2.14
C TYR A 192 -11.83 -23.27 1.62
N GLY A 193 -11.94 -24.24 2.51
CA GLY A 193 -12.34 -25.57 2.16
C GLY A 193 -11.33 -26.27 1.26
N CYS A 194 -11.82 -27.18 0.45
CA CYS A 194 -10.90 -27.98 -0.31
C CYS A 194 -10.36 -27.18 -1.46
N CYS A 195 -11.16 -26.26 -2.00
CA CYS A 195 -10.84 -25.82 -3.35
C CYS A 195 -10.97 -24.33 -3.72
N SER A 196 -11.25 -23.44 -2.77
CA SER A 196 -11.44 -22.02 -3.11
C SER A 196 -10.25 -21.34 -3.75
N GLU A 197 -10.51 -20.15 -4.25
CA GLU A 197 -9.51 -19.26 -4.76
C GLU A 197 -8.76 -18.82 -3.52
N PRO A 198 -7.51 -18.39 -3.67
CA PRO A 198 -6.74 -17.81 -2.57
C PRO A 198 -7.05 -16.34 -2.32
N TYR A 199 -6.84 -15.91 -1.08
CA TYR A 199 -7.10 -14.53 -0.66
C TYR A 199 -5.91 -14.03 0.14
N PRO A 200 -5.07 -13.23 -0.50
CA PRO A 200 -3.81 -12.80 0.14
C PRO A 200 -3.93 -11.46 0.81
N ASP A 201 -3.08 -11.24 1.81
CA ASP A 201 -3.01 -9.92 2.41
C ASP A 201 -1.58 -9.76 2.80
N VAL A 202 -1.14 -8.54 3.07
CA VAL A 202 0.07 -8.34 3.79
C VAL A 202 -0.24 -7.71 5.11
N THR A 203 0.45 -8.13 6.15
CA THR A 203 0.19 -7.59 7.46
C THR A 203 1.50 -7.06 8.03
N PHE A 204 1.42 -5.85 8.55
CA PHE A 204 2.51 -5.21 9.30
C PHE A 204 2.12 -5.25 10.77
N THR A 205 3.03 -5.71 11.63
CA THR A 205 2.75 -5.67 13.04
C THR A 205 3.58 -4.55 13.64
N LEU A 206 2.97 -3.41 13.88
CA LEU A 206 3.65 -2.35 14.55
C LEU A 206 3.68 -2.66 16.05
N LEU A 207 4.88 -2.76 16.57
CA LEU A 207 5.13 -3.03 17.96
C LEU A 207 5.52 -1.75 18.66
N LEU A 208 4.65 -1.30 19.57
CA LEU A 208 4.90 -0.10 20.37
C LEU A 208 5.19 -0.45 21.81
N LYS A 209 6.09 0.31 22.43
CA LYS A 209 6.40 0.10 23.81
C LYS A 209 6.43 1.49 24.47
N ARG A 210 5.98 1.55 25.71
CA ARG A 210 5.82 2.83 26.37
C ARG A 210 7.20 3.45 26.48
N ARG A 211 7.29 4.73 26.12
CA ARG A 211 8.55 5.45 26.22
C ARG A 211 9.00 5.62 27.64
N SER A 212 10.26 5.30 27.87
CA SER A 212 10.88 5.50 29.17
C SER A 212 11.21 6.97 29.35
N HIS A 213 10.99 7.45 30.56
CA HIS A 213 11.40 8.79 30.89
C HIS A 213 12.28 8.75 32.13
N HIS A 214 13.14 7.73 32.23
CA HIS A 214 14.03 7.57 33.41
C HIS A 214 15.54 7.63 33.22
N HIS A 215 16.23 6.53 32.89
CA HIS A 215 17.72 6.70 32.97
C HIS A 215 18.21 7.07 34.38
#